data_6I2N
#
_entry.id   6I2N
#
_cell.length_a   1.0
_cell.length_b   1.0
_cell.length_c   1.0
_cell.angle_alpha   90.00
_cell.angle_beta   90.00
_cell.angle_gamma   90.00
#
_symmetry.space_group_name_H-M   'P 1'
#
loop_
_entity.id
_entity.type
_entity.pdbx_description
1 polymer "RNA (5'-R(P*UP*UP*U)-3')"
2 polymer Nucleoprotein
#
loop_
_entity_poly.entity_id
_entity_poly.type
_entity_poly.pdbx_seq_one_letter_code
_entity_poly.pdbx_strand_id
1 'polyribonucleotide' UUU U
2 'polypeptide(L)'
;GMATMEELQREINAHEGQLVIARQKVRDAEKQYEKDPDELNKRTLTDREGVAVSIQAKIDELKRQLADRIATGKNLGKEQ
DPTGVEPGDHLKERSMLSYGNVLDLNHLDIDEPTGQTADWLSIIVYLTSFVVPILLKALYMLTTRGRQTTKDNKGTRIRF
KDDSSFEDVNGIRKPKHLYVSLPNAQSSMKAEEITPGRYRTAVCGLYPAQIKARQMISPVMSVIGFLALAKDWSDRIEQW
LIEPCKLLPDTAAVSLLGGPATNRDYLRQRQVALGNMETKESKAIRQHAEAAGCSMIEDIESPSSIWVFAGAPDRCPPTC
LFIAGIAELGAFFSILQDMRNTIMASKTVGTSEEKLRKKSSFYQSYLRRTQSMGIQLGQRIIVLFMVAWGKEAVDNFHLG
DDMDPELRTLAQSLIDVKVKEISNQEPLKL
;
D
#
# COMPACT_ATOMS: atom_id res chain seq x y z
N ASP B 81 18.11 -2.49 42.19
CA ASP B 81 18.78 -2.15 40.94
C ASP B 81 17.72 -1.89 39.87
N PRO B 82 17.69 -0.68 39.32
CA PRO B 82 16.73 -0.39 38.24
C PRO B 82 17.03 -1.12 36.96
N THR B 83 18.29 -1.45 36.70
CA THR B 83 18.69 -2.21 35.54
C THR B 83 19.11 -3.64 35.88
N GLY B 84 18.75 -4.12 37.06
CA GLY B 84 19.16 -5.44 37.50
C GLY B 84 18.44 -6.58 36.81
N VAL B 85 17.15 -6.74 37.10
CA VAL B 85 16.34 -7.81 36.53
C VAL B 85 14.88 -7.43 36.76
N GLU B 86 14.00 -7.86 35.85
CA GLU B 86 12.59 -7.55 36.08
C GLU B 86 11.96 -8.57 37.00
N PRO B 87 10.82 -8.22 37.62
CA PRO B 87 10.00 -9.25 38.28
C PRO B 87 9.41 -10.20 37.26
N GLY B 88 9.30 -11.47 37.66
CA GLY B 88 8.77 -12.49 36.78
C GLY B 88 9.70 -12.84 35.63
N ASP B 89 10.97 -13.09 35.92
CA ASP B 89 11.98 -13.20 34.88
C ASP B 89 12.53 -14.60 34.71
N HIS B 90 12.32 -15.48 35.69
CA HIS B 90 12.67 -16.91 35.74
C HIS B 90 14.15 -17.23 35.52
N LEU B 91 15.02 -16.23 35.49
CA LEU B 91 16.45 -16.50 35.54
C LEU B 91 17.11 -15.48 36.45
N LYS B 92 17.93 -15.98 37.37
CA LYS B 92 18.44 -15.17 38.46
C LYS B 92 19.54 -14.22 38.00
N GLU B 93 20.25 -14.59 36.94
CA GLU B 93 21.28 -13.71 36.41
C GLU B 93 20.72 -12.81 35.32
N ARG B 94 21.34 -11.65 35.17
CA ARG B 94 21.00 -10.74 34.08
C ARG B 94 21.42 -11.35 32.76
N SER B 95 20.50 -11.40 31.80
CA SER B 95 20.81 -11.89 30.48
C SER B 95 21.71 -10.89 29.74
N MET B 96 22.39 -11.38 28.72
CA MET B 96 23.26 -10.51 27.95
C MET B 96 22.46 -9.60 27.03
N LEU B 97 21.25 -10.00 26.66
CA LEU B 97 20.40 -9.22 25.79
C LEU B 97 19.50 -8.30 26.60
N SER B 98 19.29 -7.09 26.07
CA SER B 98 18.41 -6.14 26.73
C SER B 98 16.97 -6.46 26.40
N TYR B 99 16.06 -5.94 27.23
CA TYR B 99 14.65 -6.22 27.04
C TYR B 99 14.09 -5.43 25.87
N GLY B 100 12.97 -5.89 25.35
CA GLY B 100 12.36 -5.27 24.20
C GLY B 100 10.87 -5.09 24.34
N ASN B 101 10.21 -4.82 23.22
CA ASN B 101 8.79 -4.51 23.25
C ASN B 101 7.95 -5.74 23.53
N VAL B 102 6.74 -5.51 24.03
CA VAL B 102 5.83 -6.56 24.43
C VAL B 102 4.94 -6.91 23.25
N LEU B 103 4.85 -8.19 22.92
CA LEU B 103 3.97 -8.67 21.87
C LEU B 103 2.62 -9.04 22.47
N ASP B 104 1.56 -8.37 22.02
CA ASP B 104 0.23 -8.55 22.60
C ASP B 104 -0.54 -9.54 21.75
N LEU B 105 -0.88 -10.69 22.34
CA LEU B 105 -1.52 -11.77 21.64
C LEU B 105 -3.03 -11.77 21.83
N ASN B 106 -3.60 -10.65 22.28
CA ASN B 106 -5.03 -10.61 22.55
C ASN B 106 -5.84 -10.56 21.27
N HIS B 107 -5.35 -9.84 20.26
CA HIS B 107 -6.09 -9.62 19.03
C HIS B 107 -5.80 -10.68 17.98
N LEU B 108 -5.20 -11.79 18.37
CA LEU B 108 -4.86 -12.85 17.43
C LEU B 108 -5.79 -14.03 17.62
N ASP B 109 -6.19 -14.62 16.50
CA ASP B 109 -6.94 -15.85 16.51
C ASP B 109 -6.09 -16.94 15.85
N ILE B 110 -6.38 -18.19 16.18
CA ILE B 110 -5.70 -19.32 15.58
C ILE B 110 -6.59 -20.06 14.59
N ASP B 111 -7.89 -20.14 14.85
CA ASP B 111 -8.80 -21.01 14.13
C ASP B 111 -9.20 -20.49 12.75
N GLU B 112 -8.53 -19.48 12.22
CA GLU B 112 -8.81 -19.05 10.86
C GLU B 112 -8.20 -20.05 9.88
N PRO B 113 -8.75 -20.15 8.67
CA PRO B 113 -8.09 -20.96 7.63
C PRO B 113 -6.81 -20.29 7.15
N THR B 114 -5.94 -21.11 6.57
CA THR B 114 -4.63 -20.63 6.16
C THR B 114 -4.71 -19.69 4.96
N GLY B 115 -5.72 -19.85 4.12
CA GLY B 115 -5.96 -18.90 3.06
C GLY B 115 -7.34 -18.29 3.18
N GLN B 116 -7.40 -17.01 3.57
CA GLN B 116 -8.66 -16.28 3.75
C GLN B 116 -8.46 -14.90 3.15
N THR B 117 -8.74 -14.79 1.85
CA THR B 117 -8.57 -13.51 1.18
C THR B 117 -9.76 -12.61 1.46
N ALA B 118 -9.72 -11.40 0.92
CA ALA B 118 -10.83 -10.49 1.08
C ALA B 118 -12.01 -10.92 0.22
N ASP B 119 -13.19 -10.46 0.62
CA ASP B 119 -14.41 -10.83 -0.10
C ASP B 119 -14.52 -10.06 -1.41
N TRP B 120 -14.28 -8.75 -1.36
CA TRP B 120 -14.27 -7.79 -2.46
C TRP B 120 -15.60 -7.57 -3.15
N LEU B 121 -16.64 -8.33 -2.78
CA LEU B 121 -17.99 -7.99 -3.17
C LEU B 121 -18.69 -7.18 -2.09
N SER B 122 -18.44 -7.55 -0.83
CA SER B 122 -18.99 -6.78 0.29
C SER B 122 -18.28 -5.44 0.44
N ILE B 123 -17.00 -5.38 0.09
CA ILE B 123 -16.24 -4.15 0.28
C ILE B 123 -16.65 -3.10 -0.75
N ILE B 124 -16.86 -3.51 -2.00
CA ILE B 124 -17.27 -2.56 -3.02
C ILE B 124 -18.71 -2.10 -2.79
N VAL B 125 -19.61 -3.01 -2.38
CA VAL B 125 -20.98 -2.61 -2.11
C VAL B 125 -21.06 -1.78 -0.83
N TYR B 126 -20.08 -1.89 0.06
CA TYR B 126 -20.05 -1.02 1.23
C TYR B 126 -19.53 0.37 0.87
N LEU B 127 -18.43 0.44 0.14
CA LEU B 127 -17.84 1.73 -0.17
C LEU B 127 -18.58 2.49 -1.27
N THR B 128 -19.43 1.85 -2.05
CA THR B 128 -20.26 2.58 -2.98
C THR B 128 -21.57 3.04 -2.36
N SER B 129 -21.78 2.76 -1.07
CA SER B 129 -22.95 3.28 -0.38
C SER B 129 -22.75 4.70 0.11
N PHE B 130 -21.57 5.27 -0.04
CA PHE B 130 -21.26 6.54 0.57
C PHE B 130 -21.19 7.63 -0.49
N VAL B 131 -20.95 8.83 -0.05
CA VAL B 131 -20.82 9.98 -0.94
C VAL B 131 -19.37 10.37 -1.00
N VAL B 132 -18.86 10.67 -2.19
CA VAL B 132 -17.43 10.79 -2.46
C VAL B 132 -16.60 11.82 -1.68
N PRO B 133 -17.13 12.90 -1.08
CA PRO B 133 -16.21 13.72 -0.24
C PRO B 133 -15.70 13.02 1.00
N ILE B 134 -16.52 12.20 1.68
CA ILE B 134 -15.98 11.50 2.84
C ILE B 134 -14.98 10.43 2.41
N LEU B 135 -15.16 9.85 1.22
CA LEU B 135 -14.20 8.87 0.72
C LEU B 135 -12.88 9.52 0.37
N LEU B 136 -12.92 10.67 -0.30
CA LEU B 136 -11.66 11.34 -0.64
C LEU B 136 -10.99 11.94 0.59
N LYS B 137 -11.74 12.35 1.60
CA LYS B 137 -11.11 12.86 2.81
C LYS B 137 -10.49 11.74 3.62
N ALA B 138 -11.14 10.57 3.68
CA ALA B 138 -10.52 9.43 4.36
C ALA B 138 -9.31 8.92 3.59
N LEU B 139 -9.35 9.00 2.26
CA LEU B 139 -8.17 8.66 1.46
C LEU B 139 -7.05 9.65 1.71
N TYR B 140 -7.37 10.92 1.93
CA TYR B 140 -6.35 11.89 2.26
C TYR B 140 -5.74 11.62 3.62
N MET B 141 -6.56 11.21 4.59
CA MET B 141 -6.00 10.95 5.92
C MET B 141 -5.28 9.61 5.98
N LEU B 142 -5.53 8.72 5.03
CA LEU B 142 -4.79 7.46 5.03
C LEU B 142 -3.58 7.46 4.11
N THR B 143 -3.53 8.32 3.10
CA THR B 143 -2.35 8.41 2.24
C THR B 143 -1.42 9.54 2.65
N THR B 144 -1.88 10.79 2.54
CA THR B 144 -0.97 11.93 2.68
C THR B 144 -0.62 12.19 4.14
N ARG B 145 -1.61 12.10 5.03
CA ARG B 145 -1.36 12.13 6.47
C ARG B 145 -1.48 10.75 7.08
N GLY B 146 -1.00 9.73 6.37
CA GLY B 146 -1.17 8.37 6.82
C GLY B 146 -0.25 7.94 7.95
N ARG B 147 0.97 8.50 7.99
CA ARG B 147 1.90 8.10 9.04
C ARG B 147 1.45 8.61 10.40
N GLN B 148 0.83 9.79 10.43
CA GLN B 148 0.35 10.33 11.69
C GLN B 148 -0.87 9.54 12.20
N THR B 149 -1.76 9.13 11.30
CA THR B 149 -2.90 8.35 11.72
C THR B 149 -2.51 6.94 12.14
N THR B 150 -1.50 6.37 11.49
CA THR B 150 -1.03 5.07 11.96
C THR B 150 -0.18 5.18 13.21
N LYS B 151 0.39 6.35 13.50
CA LYS B 151 1.10 6.48 14.76
C LYS B 151 0.14 6.69 15.92
N ASP B 152 -0.95 7.42 15.67
CA ASP B 152 -1.86 7.78 16.76
C ASP B 152 -2.66 6.57 17.24
N ASN B 153 -3.48 5.99 16.38
CA ASN B 153 -4.38 4.90 16.79
C ASN B 153 -4.19 3.69 15.89
N LYS B 154 -3.19 2.88 16.22
CA LYS B 154 -2.92 1.63 15.55
C LYS B 154 -3.29 0.48 16.47
N GLY B 155 -3.95 -0.54 15.92
CA GLY B 155 -4.45 -1.62 16.74
C GLY B 155 -5.87 -1.45 17.18
N THR B 156 -6.66 -0.69 16.43
CA THR B 156 -8.02 -0.36 16.82
C THR B 156 -8.81 0.01 15.58
N ARG B 157 -10.13 0.08 15.72
CA ARG B 157 -11.00 0.48 14.62
C ARG B 157 -11.29 1.97 14.69
N ILE B 158 -11.35 2.60 13.53
CA ILE B 158 -11.51 4.04 13.42
C ILE B 158 -12.87 4.35 12.80
N ARG B 159 -13.61 5.23 13.44
CA ARG B 159 -14.82 5.81 12.88
C ARG B 159 -14.45 7.10 12.16
N PHE B 160 -14.86 7.22 10.91
CA PHE B 160 -14.74 8.47 10.17
C PHE B 160 -16.09 9.16 10.11
N LYS B 161 -16.14 10.43 10.49
CA LYS B 161 -17.37 11.19 10.56
C LYS B 161 -17.24 12.45 9.73
N ASP B 162 -18.26 12.74 8.92
CA ASP B 162 -18.30 13.95 8.12
C ASP B 162 -19.76 14.39 8.01
N ASP B 163 -19.95 15.66 7.66
CA ASP B 163 -21.29 16.22 7.50
C ASP B 163 -21.99 15.66 6.27
N SER B 164 -21.27 15.11 5.31
CA SER B 164 -21.87 14.72 4.04
C SER B 164 -22.60 13.38 4.14
N SER B 165 -22.32 12.58 5.16
CA SER B 165 -22.98 11.29 5.31
C SER B 165 -24.21 11.42 6.21
N PHE B 166 -25.34 10.89 5.74
CA PHE B 166 -26.62 11.07 6.39
C PHE B 166 -27.20 9.75 6.84
N GLU B 167 -28.16 9.85 7.76
CA GLU B 167 -29.16 8.83 8.01
C GLU B 167 -30.48 9.54 8.25
N ASP B 168 -31.32 9.62 7.22
CA ASP B 168 -32.56 10.40 7.27
C ASP B 168 -33.57 9.64 8.13
N VAL B 169 -33.59 9.97 9.42
CA VAL B 169 -34.62 9.45 10.30
C VAL B 169 -35.63 10.56 10.57
N ASN B 170 -36.64 10.62 9.70
CA ASN B 170 -37.75 11.59 9.75
C ASN B 170 -37.23 13.03 9.76
N GLY B 171 -36.22 13.30 8.95
CA GLY B 171 -35.66 14.61 8.81
C GLY B 171 -34.42 14.87 9.65
N ILE B 172 -34.14 14.01 10.63
CA ILE B 172 -32.96 14.20 11.47
C ILE B 172 -31.75 13.67 10.71
N ARG B 173 -30.71 14.50 10.62
CA ARG B 173 -29.51 14.16 9.87
C ARG B 173 -28.53 13.42 10.80
N LYS B 174 -28.84 12.16 11.06
CA LYS B 174 -27.97 11.30 11.86
C LYS B 174 -26.72 10.98 11.07
N PRO B 175 -25.52 11.12 11.64
CA PRO B 175 -24.30 10.91 10.87
C PRO B 175 -24.03 9.43 10.61
N LYS B 176 -23.70 9.13 9.35
CA LYS B 176 -23.24 7.80 8.96
C LYS B 176 -21.72 7.77 9.02
N HIS B 177 -21.19 6.66 9.51
CA HIS B 177 -19.76 6.54 9.76
C HIS B 177 -19.10 5.54 8.83
N LEU B 178 -17.86 5.83 8.46
CA LEU B 178 -17.00 4.92 7.71
C LEU B 178 -16.08 4.21 8.68
N TYR B 179 -16.07 2.88 8.62
CA TYR B 179 -15.27 2.08 9.54
C TYR B 179 -14.09 1.47 8.81
N VAL B 180 -12.89 1.94 9.13
CA VAL B 180 -11.67 1.24 8.75
C VAL B 180 -11.10 0.62 10.02
N SER B 181 -10.10 -0.22 9.84
CA SER B 181 -9.51 -0.97 10.94
C SER B 181 -8.02 -1.00 10.72
N LEU B 182 -7.25 -0.42 11.66
CA LEU B 182 -5.80 -0.37 11.50
C LEU B 182 -5.20 -1.51 12.31
N PRO B 183 -4.77 -2.60 11.70
CA PRO B 183 -4.39 -3.78 12.46
C PRO B 183 -2.96 -3.72 12.94
N ASN B 184 -2.68 -4.55 13.93
CA ASN B 184 -1.35 -4.65 14.51
C ASN B 184 -0.57 -5.71 13.75
N ALA B 185 0.68 -5.94 14.15
CA ALA B 185 1.43 -7.05 13.56
C ALA B 185 0.90 -8.39 14.02
N GLN B 186 0.29 -8.45 15.20
CA GLN B 186 -0.24 -9.67 15.78
C GLN B 186 -1.75 -9.54 15.79
N SER B 187 -2.40 -9.77 14.65
CA SER B 187 -3.82 -9.47 14.58
C SER B 187 -4.52 -10.23 13.46
N SER B 188 -5.37 -11.17 13.83
CA SER B 188 -6.19 -11.87 12.85
C SER B 188 -7.33 -10.96 12.40
N MET B 189 -7.59 -10.95 11.10
CA MET B 189 -8.58 -10.05 10.52
C MET B 189 -9.67 -10.86 9.82
N LYS B 190 -10.85 -10.26 9.70
CA LYS B 190 -11.97 -10.94 9.08
C LYS B 190 -11.85 -10.85 7.55
N ALA B 191 -12.82 -11.43 6.87
CA ALA B 191 -12.78 -11.44 5.40
C ALA B 191 -13.16 -10.09 4.82
N GLU B 192 -14.23 -9.48 5.31
CA GLU B 192 -14.74 -8.23 4.78
C GLU B 192 -14.29 -7.02 5.57
N GLU B 193 -13.47 -7.22 6.61
CA GLU B 193 -13.01 -6.11 7.43
C GLU B 193 -11.98 -5.28 6.67
N ILE B 194 -12.16 -3.97 6.70
CA ILE B 194 -11.44 -3.07 5.81
C ILE B 194 -10.21 -2.54 6.54
N THR B 195 -9.05 -3.04 6.15
CA THR B 195 -7.77 -2.46 6.49
C THR B 195 -7.53 -1.24 5.63
N PRO B 196 -6.55 -0.37 5.95
CA PRO B 196 -6.25 0.74 5.04
C PRO B 196 -5.66 0.30 3.71
N GLY B 197 -5.04 -0.88 3.62
CA GLY B 197 -4.62 -1.38 2.33
C GLY B 197 -5.80 -1.72 1.44
N ARG B 198 -6.80 -2.42 2.00
CA ARG B 198 -8.01 -2.73 1.26
C ARG B 198 -8.76 -1.46 0.88
N TYR B 199 -8.75 -0.46 1.76
CA TYR B 199 -9.45 0.79 1.49
C TYR B 199 -8.78 1.56 0.36
N ARG B 200 -7.45 1.67 0.40
CA ARG B 200 -6.74 2.38 -0.66
C ARG B 200 -6.90 1.65 -2.00
N THR B 201 -6.91 0.31 -1.96
CA THR B 201 -7.15 -0.47 -3.16
C THR B 201 -8.51 -0.20 -3.77
N ALA B 202 -9.56 -0.25 -2.95
CA ALA B 202 -10.92 -0.06 -3.44
C ALA B 202 -11.17 1.36 -3.92
N VAL B 203 -10.70 2.37 -3.17
CA VAL B 203 -10.95 3.76 -3.55
C VAL B 203 -10.15 4.14 -4.79
N CYS B 204 -8.88 3.71 -4.86
CA CYS B 204 -8.09 4.00 -6.04
C CYS B 204 -8.56 3.22 -7.27
N GLY B 205 -9.23 2.08 -7.07
CA GLY B 205 -9.82 1.41 -8.21
C GLY B 205 -11.12 2.02 -8.68
N LEU B 206 -11.91 2.58 -7.77
CA LEU B 206 -13.21 3.11 -8.16
C LEU B 206 -13.10 4.50 -8.77
N TYR B 207 -12.35 5.41 -8.14
CA TYR B 207 -12.35 6.82 -8.52
C TYR B 207 -10.96 7.33 -8.86
N PRO B 208 -10.43 7.02 -10.06
CA PRO B 208 -9.11 7.54 -10.42
C PRO B 208 -9.15 8.95 -10.97
N ALA B 209 -10.30 9.36 -11.49
CA ALA B 209 -10.39 10.66 -12.17
C ALA B 209 -10.33 11.81 -11.16
N GLN B 210 -10.99 11.66 -10.01
CA GLN B 210 -10.93 12.69 -8.98
C GLN B 210 -9.55 12.77 -8.35
N ILE B 211 -8.87 11.63 -8.21
CA ILE B 211 -7.49 11.64 -7.71
C ILE B 211 -6.58 12.32 -8.72
N LYS B 212 -6.84 12.12 -10.00
CA LYS B 212 -6.09 12.83 -11.05
C LYS B 212 -6.33 14.32 -10.99
N ALA B 213 -7.59 14.73 -10.78
CA ALA B 213 -7.94 16.14 -10.78
C ALA B 213 -7.41 16.85 -9.54
N ARG B 214 -7.35 16.16 -8.42
CA ARG B 214 -6.94 16.80 -7.18
C ARG B 214 -5.44 16.66 -6.89
N GLN B 215 -4.72 15.91 -7.72
CA GLN B 215 -3.27 15.66 -7.58
C GLN B 215 -2.93 15.05 -6.22
N MET B 216 -3.61 13.95 -5.90
CA MET B 216 -3.53 13.35 -4.58
C MET B 216 -2.64 12.12 -4.65
N ILE B 217 -1.33 12.31 -4.45
CA ILE B 217 -0.38 11.21 -4.45
C ILE B 217 0.13 11.00 -3.04
N SER B 218 0.30 9.73 -2.67
CA SER B 218 0.80 9.39 -1.36
C SER B 218 2.30 9.68 -1.30
N PRO B 219 2.85 9.90 -0.10
CA PRO B 219 4.30 10.14 -0.01
C PRO B 219 5.16 8.93 -0.33
N VAL B 220 4.60 7.72 -0.28
CA VAL B 220 5.38 6.56 -0.66
C VAL B 220 5.47 6.44 -2.18
N MET B 221 4.50 6.99 -2.92
CA MET B 221 4.66 7.16 -4.36
C MET B 221 5.56 8.34 -4.70
N SER B 222 5.59 9.36 -3.86
CA SER B 222 6.34 10.57 -4.16
C SER B 222 7.84 10.38 -4.03
N VAL B 223 8.29 9.32 -3.36
CA VAL B 223 9.73 9.10 -3.22
C VAL B 223 10.29 8.21 -4.32
N ILE B 224 9.45 7.45 -5.02
CA ILE B 224 9.92 6.62 -6.12
C ILE B 224 9.67 7.27 -7.47
N GLY B 225 9.41 8.57 -7.49
CA GLY B 225 9.31 9.31 -8.74
C GLY B 225 8.02 9.09 -9.50
N PHE B 226 6.88 9.17 -8.82
CA PHE B 226 5.60 9.01 -9.50
C PHE B 226 5.22 10.25 -10.26
N LEU B 227 5.68 11.42 -9.80
CA LEU B 227 5.25 12.68 -10.38
C LEU B 227 5.83 12.87 -11.77
N ALA B 228 7.11 12.54 -11.96
CA ALA B 228 7.71 12.68 -13.28
C ALA B 228 7.20 11.63 -14.27
N LEU B 229 6.80 10.46 -13.78
CA LEU B 229 6.13 9.51 -14.65
C LEU B 229 4.70 9.91 -14.96
N ALA B 230 4.10 10.76 -14.14
CA ALA B 230 2.73 11.21 -14.36
C ALA B 230 2.63 12.62 -14.91
N LYS B 231 3.76 13.26 -15.23
CA LYS B 231 3.69 14.57 -15.90
C LYS B 231 3.10 14.45 -17.29
N ASP B 232 3.60 13.51 -18.09
CA ASP B 232 3.30 13.42 -19.51
C ASP B 232 2.90 12.01 -19.88
N TRP B 233 1.95 11.45 -19.12
CA TRP B 233 1.57 10.05 -19.28
C TRP B 233 0.88 9.78 -20.61
N SER B 234 0.18 10.76 -21.16
CA SER B 234 -0.53 10.55 -22.41
C SER B 234 0.42 10.40 -23.60
N ASP B 235 1.58 11.04 -23.53
CA ASP B 235 2.61 10.83 -24.53
C ASP B 235 3.53 9.68 -24.18
N ARG B 236 3.70 9.41 -22.89
CA ARG B 236 4.57 8.33 -22.42
C ARG B 236 4.02 6.97 -22.83
N ILE B 237 2.74 6.72 -22.55
CA ILE B 237 2.17 5.44 -22.92
C ILE B 237 1.98 5.35 -24.43
N GLU B 238 1.88 6.48 -25.13
CA GLU B 238 1.80 6.42 -26.59
C GLU B 238 3.14 6.05 -27.21
N GLN B 239 4.24 6.56 -26.65
CA GLN B 239 5.54 6.11 -27.11
C GLN B 239 5.83 4.67 -26.72
N TRP B 240 5.25 4.20 -25.61
CA TRP B 240 5.48 2.80 -25.23
C TRP B 240 4.70 1.85 -26.12
N LEU B 241 3.47 2.21 -26.48
CA LEU B 241 2.65 1.35 -27.33
C LEU B 241 3.14 1.29 -28.76
N ILE B 242 3.99 2.24 -29.20
CA ILE B 242 4.44 2.27 -30.58
C ILE B 242 5.76 1.52 -30.78
N GLU B 243 6.38 1.05 -29.71
CA GLU B 243 7.65 0.35 -29.83
C GLU B 243 7.45 -1.05 -30.40
N PRO B 244 8.37 -1.53 -31.23
CA PRO B 244 8.22 -2.88 -31.79
C PRO B 244 8.55 -3.94 -30.76
N CYS B 245 7.75 -4.99 -30.74
CA CYS B 245 7.98 -6.09 -29.82
C CYS B 245 9.01 -7.07 -30.41
N LYS B 246 9.37 -8.07 -29.61
CA LYS B 246 10.34 -9.06 -30.04
C LYS B 246 9.73 -10.45 -30.06
N ALA B 261 5.72 -5.96 -35.83
CA ALA B 261 4.55 -5.81 -34.97
C ALA B 261 4.94 -5.08 -33.68
N THR B 262 4.08 -4.18 -33.25
CA THR B 262 4.27 -3.48 -31.99
C THR B 262 3.57 -4.22 -30.86
N ASN B 263 3.92 -3.85 -29.64
CA ASN B 263 3.42 -4.53 -28.44
C ASN B 263 1.97 -4.18 -28.12
N ARG B 264 1.33 -3.30 -28.90
CA ARG B 264 -0.12 -3.19 -28.86
C ARG B 264 -0.78 -4.51 -29.22
N ASP B 265 -0.22 -5.24 -30.18
CA ASP B 265 -0.74 -6.54 -30.54
C ASP B 265 -0.52 -7.55 -29.42
N TYR B 266 0.58 -7.41 -28.67
CA TYR B 266 0.83 -8.28 -27.54
C TYR B 266 -0.16 -8.01 -26.42
N LEU B 267 -0.45 -6.74 -26.15
CA LEU B 267 -1.46 -6.40 -25.16
C LEU B 267 -2.85 -6.81 -25.61
N ARG B 268 -3.11 -6.79 -26.93
CA ARG B 268 -4.41 -7.22 -27.43
C ARG B 268 -4.58 -8.73 -27.29
N GLN B 269 -3.50 -9.48 -27.52
CA GLN B 269 -3.53 -10.92 -27.28
C GLN B 269 -3.71 -11.23 -25.80
N ARG B 270 -3.07 -10.45 -24.94
CA ARG B 270 -3.27 -10.56 -23.50
C ARG B 270 -4.71 -10.23 -23.12
N GLN B 271 -5.30 -9.26 -23.82
CA GLN B 271 -6.69 -8.86 -23.56
C GLN B 271 -7.67 -9.96 -23.95
N VAL B 272 -7.40 -10.64 -25.07
CA VAL B 272 -8.25 -11.76 -25.46
C VAL B 272 -8.09 -12.92 -24.48
N ALA B 273 -6.86 -13.15 -24.02
CA ALA B 273 -6.61 -14.22 -23.05
C ALA B 273 -7.27 -13.93 -21.71
N LEU B 274 -7.40 -12.66 -21.33
CA LEU B 274 -8.12 -12.33 -20.10
C LEU B 274 -9.62 -12.29 -20.30
N GLY B 275 -10.08 -11.98 -21.51
CA GLY B 275 -11.50 -12.06 -21.80
C GLY B 275 -12.01 -13.47 -21.79
N ASN B 276 -11.15 -14.43 -22.14
CA ASN B 276 -11.52 -15.84 -21.95
C ASN B 276 -11.45 -16.23 -20.48
N MET B 277 -10.45 -15.72 -19.75
CA MET B 277 -10.16 -16.16 -18.39
C MET B 277 -10.50 -15.03 -17.42
N GLU B 278 -11.75 -15.03 -16.95
CA GLU B 278 -12.17 -14.14 -15.87
C GLU B 278 -13.33 -14.77 -15.14
N THR B 279 -13.49 -14.38 -13.89
CA THR B 279 -14.57 -14.92 -13.08
C THR B 279 -15.82 -14.05 -13.21
N LYS B 280 -16.95 -14.61 -12.80
CA LYS B 280 -18.19 -13.86 -12.75
C LYS B 280 -18.24 -12.87 -11.60
N GLU B 281 -17.35 -13.03 -10.61
CA GLU B 281 -17.31 -12.11 -9.48
C GLU B 281 -16.83 -10.73 -9.92
N SER B 282 -15.79 -10.68 -10.76
CA SER B 282 -15.34 -9.40 -11.30
C SER B 282 -16.35 -8.81 -12.27
N LYS B 283 -17.12 -9.67 -12.96
CA LYS B 283 -18.23 -9.19 -13.78
C LYS B 283 -19.29 -8.52 -12.92
N ALA B 284 -19.59 -9.09 -11.75
CA ALA B 284 -20.51 -8.47 -10.82
C ALA B 284 -19.95 -7.16 -10.26
N ILE B 285 -18.64 -7.10 -10.05
CA ILE B 285 -18.03 -5.85 -9.56
C ILE B 285 -18.13 -4.75 -10.59
N ARG B 286 -17.82 -5.06 -11.85
CA ARG B 286 -17.91 -4.04 -12.90
C ARG B 286 -19.36 -3.61 -13.13
N GLN B 287 -20.29 -4.57 -13.11
CA GLN B 287 -21.71 -4.27 -13.30
C GLN B 287 -22.26 -3.43 -12.16
N HIS B 288 -21.80 -3.70 -10.93
CA HIS B 288 -22.28 -2.95 -9.78
C HIS B 288 -21.68 -1.55 -9.74
N ALA B 289 -20.38 -1.41 -9.98
CA ALA B 289 -19.74 -0.12 -9.89
C ALA B 289 -20.07 0.78 -11.09
N GLU B 290 -20.52 0.21 -12.20
CA GLU B 290 -21.01 1.07 -13.28
C GLU B 290 -22.32 1.74 -12.87
N ALA B 291 -23.24 0.98 -12.27
CA ALA B 291 -24.50 1.55 -11.81
C ALA B 291 -24.33 2.42 -10.57
N ALA B 292 -23.25 2.22 -9.81
CA ALA B 292 -23.00 3.09 -8.66
C ALA B 292 -22.60 4.49 -9.10
N GLY B 293 -21.97 4.63 -10.26
CA GLY B 293 -21.71 5.95 -10.80
C GLY B 293 -20.26 6.32 -11.02
N CYS B 294 -19.33 5.39 -10.79
CA CYS B 294 -17.93 5.69 -11.05
C CYS B 294 -17.59 5.39 -12.49
N SER B 295 -16.63 6.12 -13.03
CA SER B 295 -16.25 6.02 -14.43
C SER B 295 -15.22 4.91 -14.59
N MET B 296 -15.48 4.00 -15.53
CA MET B 296 -14.60 2.86 -15.76
C MET B 296 -13.41 3.27 -16.62
N ILE B 297 -12.48 2.33 -16.76
CA ILE B 297 -11.31 2.48 -17.62
C ILE B 297 -11.30 1.32 -18.60
N GLU B 298 -11.15 1.62 -19.89
CA GLU B 298 -11.22 0.62 -20.94
C GLU B 298 -9.87 0.01 -21.28
N ASP B 299 -8.80 0.79 -21.28
CA ASP B 299 -7.48 0.27 -21.63
C ASP B 299 -6.42 1.11 -20.93
N ILE B 300 -5.16 0.71 -21.12
CA ILE B 300 -4.03 1.43 -20.55
C ILE B 300 -3.77 2.76 -21.24
N GLU B 301 -4.38 2.98 -22.40
CA GLU B 301 -4.19 4.20 -23.17
C GLU B 301 -4.90 5.41 -22.56
N SER B 302 -5.78 5.18 -21.58
CA SER B 302 -6.54 6.25 -20.94
C SER B 302 -5.60 7.18 -20.17
N PRO B 303 -5.91 8.48 -20.10
CA PRO B 303 -5.02 9.40 -19.38
C PRO B 303 -5.05 9.21 -17.88
N SER B 304 -6.15 8.72 -17.34
CA SER B 304 -6.25 8.39 -15.92
C SER B 304 -5.97 6.92 -15.68
N SER B 305 -4.86 6.40 -16.21
CA SER B 305 -4.52 5.00 -16.03
C SER B 305 -3.39 4.79 -15.03
N ILE B 306 -2.40 5.68 -15.03
CA ILE B 306 -1.36 5.61 -14.01
C ILE B 306 -1.90 6.07 -12.66
N TRP B 307 -3.00 6.84 -12.66
CA TRP B 307 -3.55 7.36 -11.42
C TRP B 307 -4.32 6.32 -10.63
N VAL B 308 -4.48 5.10 -11.15
CA VAL B 308 -5.01 4.01 -10.36
C VAL B 308 -4.04 3.66 -9.23
N PHE B 309 -2.74 3.82 -9.48
CA PHE B 309 -1.72 3.50 -8.49
C PHE B 309 -1.14 4.74 -7.87
N ALA B 310 -1.93 5.80 -7.71
CA ALA B 310 -1.44 7.03 -7.09
C ALA B 310 -1.50 6.98 -5.58
N GLY B 311 -2.51 6.34 -5.03
CA GLY B 311 -2.63 6.16 -3.59
C GLY B 311 -1.90 4.95 -3.06
N ALA B 312 -1.12 4.26 -3.91
CA ALA B 312 -0.30 3.09 -3.62
C ALA B 312 -1.09 1.96 -2.98
N PRO B 313 -1.92 1.25 -3.73
CA PRO B 313 -2.66 0.13 -3.14
C PRO B 313 -1.74 -1.04 -2.83
N ASP B 314 -2.22 -1.92 -1.94
CA ASP B 314 -1.41 -3.07 -1.57
C ASP B 314 -1.44 -4.17 -2.63
N ARG B 315 -2.57 -4.32 -3.31
CA ARG B 315 -2.68 -5.21 -4.47
C ARG B 315 -3.43 -4.44 -5.56
N CYS B 316 -3.48 -5.00 -6.76
CA CYS B 316 -4.21 -4.33 -7.82
C CYS B 316 -5.71 -4.42 -7.57
N PRO B 317 -6.48 -3.39 -7.93
CA PRO B 317 -7.90 -3.35 -7.58
C PRO B 317 -8.72 -4.33 -8.38
N PRO B 318 -9.90 -4.71 -7.88
CA PRO B 318 -10.75 -5.63 -8.66
C PRO B 318 -11.31 -5.01 -9.93
N THR B 319 -11.74 -3.76 -9.89
CA THR B 319 -11.85 -3.00 -11.11
C THR B 319 -10.44 -2.73 -11.62
N CYS B 320 -10.31 -2.64 -12.95
CA CYS B 320 -9.01 -2.53 -13.65
C CYS B 320 -8.09 -3.70 -13.32
N LEU B 321 -8.64 -4.91 -13.30
CA LEU B 321 -7.86 -6.13 -13.14
C LEU B 321 -7.68 -6.87 -14.46
N PHE B 322 -8.75 -7.00 -15.24
CA PHE B 322 -8.75 -7.73 -16.50
C PHE B 322 -8.61 -6.80 -17.69
N ILE B 323 -7.81 -5.75 -17.56
CA ILE B 323 -7.64 -4.73 -18.59
C ILE B 323 -6.30 -4.91 -19.31
N ALA B 324 -5.53 -5.94 -18.93
CA ALA B 324 -4.36 -6.42 -19.67
C ALA B 324 -3.27 -5.35 -19.80
N GLY B 325 -2.65 -5.06 -18.67
CA GLY B 325 -1.49 -4.20 -18.66
C GLY B 325 -1.42 -3.32 -17.45
N ILE B 326 -2.43 -3.41 -16.58
CA ILE B 326 -2.51 -2.57 -15.40
C ILE B 326 -1.94 -3.27 -14.17
N ALA B 327 -2.22 -4.57 -14.00
CA ALA B 327 -1.71 -5.30 -12.84
C ALA B 327 -0.19 -5.43 -12.90
N GLU B 328 0.36 -5.60 -14.09
CA GLU B 328 1.81 -5.63 -14.25
C GLU B 328 2.43 -4.27 -13.98
N LEU B 329 1.68 -3.19 -14.22
CA LEU B 329 2.20 -1.86 -13.93
C LEU B 329 2.24 -1.62 -12.42
N GLY B 330 1.26 -2.16 -11.68
CA GLY B 330 1.35 -2.14 -10.24
C GLY B 330 2.48 -3.00 -9.69
N ALA B 331 2.75 -4.13 -10.35
CA ALA B 331 3.91 -4.92 -9.97
C ALA B 331 5.21 -4.17 -10.23
N PHE B 332 5.26 -3.41 -11.32
CA PHE B 332 6.42 -2.55 -11.61
C PHE B 332 6.63 -1.51 -10.52
N PHE B 333 5.55 -0.87 -10.06
CA PHE B 333 5.71 0.11 -8.99
C PHE B 333 6.09 -0.54 -7.65
N SER B 334 5.62 -1.76 -7.41
CA SER B 334 6.02 -2.46 -6.19
C SER B 334 7.49 -2.84 -6.23
N ILE B 335 7.99 -3.21 -7.41
CA ILE B 335 9.41 -3.50 -7.58
C ILE B 335 10.24 -2.24 -7.39
N LEU B 336 9.73 -1.09 -7.85
CA LEU B 336 10.43 0.17 -7.60
C LEU B 336 10.49 0.50 -6.11
N GLN B 337 9.42 0.20 -5.38
CA GLN B 337 9.43 0.40 -3.92
C GLN B 337 10.47 -0.50 -3.25
N ASP B 338 10.55 -1.77 -3.67
CA ASP B 338 11.55 -2.65 -3.08
C ASP B 338 12.97 -2.24 -3.45
N MET B 339 13.17 -1.71 -4.66
CA MET B 339 14.49 -1.23 -5.06
C MET B 339 14.92 -0.04 -4.23
N ARG B 340 14.01 0.91 -3.98
CA ARG B 340 14.33 2.05 -3.13
C ARG B 340 14.62 1.62 -1.71
N ASN B 341 13.85 0.65 -1.19
CA ASN B 341 14.10 0.16 0.16
C ASN B 341 15.44 -0.55 0.28
N THR B 342 15.86 -1.29 -0.75
CA THR B 342 17.17 -1.93 -0.68
C THR B 342 18.30 -0.92 -0.82
N ILE B 343 18.13 0.13 -1.62
CA ILE B 343 19.16 1.17 -1.68
C ILE B 343 19.28 1.90 -0.34
N MET B 344 18.14 2.22 0.28
CA MET B 344 18.16 2.89 1.57
C MET B 344 18.67 1.97 2.68
N ALA B 345 18.45 0.67 2.56
CA ALA B 345 18.99 -0.26 3.54
C ALA B 345 20.49 -0.44 3.37
N SER B 346 20.99 -0.39 2.15
CA SER B 346 22.42 -0.54 1.94
C SER B 346 23.18 0.74 2.23
N LYS B 347 22.53 1.90 2.17
CA LYS B 347 23.20 3.16 2.47
C LYS B 347 23.60 3.28 3.93
N THR B 348 22.80 2.75 4.84
CA THR B 348 22.97 3.04 6.26
C THR B 348 24.11 2.22 6.85
N VAL B 349 25.08 2.90 7.44
CA VAL B 349 26.07 2.24 8.28
C VAL B 349 25.38 1.72 9.53
N GLY B 350 25.58 0.44 9.83
CA GLY B 350 24.94 -0.14 11.00
C GLY B 350 25.09 -1.65 10.97
N THR B 351 24.43 -2.28 11.94
CA THR B 351 24.56 -3.71 12.12
C THR B 351 23.75 -4.46 11.07
N SER B 352 23.75 -5.79 11.18
CA SER B 352 23.11 -6.59 10.14
C SER B 352 21.60 -6.59 10.27
N GLU B 353 21.08 -6.70 11.49
CA GLU B 353 19.65 -6.82 11.65
C GLU B 353 18.89 -5.53 11.38
N GLU B 354 19.50 -4.35 11.57
CA GLU B 354 18.77 -3.14 11.22
C GLU B 354 18.85 -2.81 9.74
N LYS B 355 19.93 -3.21 9.06
CA LYS B 355 19.92 -3.20 7.60
C LYS B 355 18.86 -4.13 7.05
N LEU B 356 18.69 -5.29 7.69
CA LEU B 356 17.66 -6.23 7.25
C LEU B 356 16.27 -5.72 7.61
N ARG B 357 16.16 -4.97 8.70
CA ARG B 357 14.89 -4.41 9.13
C ARG B 357 14.45 -3.26 8.23
N LYS B 358 15.40 -2.50 7.69
CA LYS B 358 15.03 -1.33 6.91
C LYS B 358 14.49 -1.69 5.53
N LYS B 359 14.93 -2.79 4.93
CA LYS B 359 14.38 -3.16 3.64
C LYS B 359 13.03 -3.84 3.81
N SER B 360 12.28 -3.89 2.72
CA SER B 360 10.91 -4.36 2.73
C SER B 360 10.67 -5.35 1.61
N SER B 361 9.62 -6.15 1.77
CA SER B 361 9.21 -7.16 0.79
C SER B 361 7.82 -6.80 0.32
N PHE B 362 7.75 -5.88 -0.64
CA PHE B 362 6.47 -5.45 -1.18
C PHE B 362 6.03 -6.26 -2.39
N TYR B 363 6.99 -6.71 -3.21
CA TYR B 363 6.63 -7.47 -4.41
C TYR B 363 6.10 -8.84 -4.05
N GLN B 364 6.57 -9.44 -2.97
CA GLN B 364 6.08 -10.73 -2.53
C GLN B 364 4.61 -10.64 -2.11
N SER B 365 4.28 -9.62 -1.32
CA SER B 365 2.90 -9.44 -0.87
C SER B 365 1.99 -9.04 -2.02
N TYR B 366 2.49 -8.19 -2.92
CA TYR B 366 1.71 -7.80 -4.10
C TYR B 366 1.42 -9.01 -4.97
N LEU B 367 2.42 -9.86 -5.18
CA LEU B 367 2.26 -11.05 -5.99
C LEU B 367 1.28 -12.04 -5.36
N ARG B 368 1.41 -12.26 -4.05
CA ARG B 368 0.52 -13.18 -3.35
C ARG B 368 -0.93 -12.69 -3.41
N ARG B 369 -1.15 -11.43 -3.06
CA ARG B 369 -2.50 -10.88 -3.04
C ARG B 369 -3.10 -10.68 -4.42
N THR B 370 -2.27 -10.56 -5.46
CA THR B 370 -2.79 -10.42 -6.81
C THR B 370 -3.11 -11.77 -7.43
N GLN B 371 -2.19 -12.75 -7.28
CA GLN B 371 -2.44 -14.10 -7.79
C GLN B 371 -3.54 -14.80 -7.02
N SER B 372 -3.87 -14.35 -5.81
CA SER B 372 -4.99 -14.94 -5.08
C SER B 372 -6.34 -14.57 -5.68
N MET B 373 -6.41 -13.53 -6.49
CA MET B 373 -7.66 -13.06 -7.06
C MET B 373 -8.01 -13.74 -8.37
N GLY B 374 -7.25 -14.77 -8.78
CA GLY B 374 -7.54 -15.46 -10.02
C GLY B 374 -6.85 -14.90 -11.24
N ILE B 375 -5.55 -14.67 -11.16
CA ILE B 375 -4.81 -14.07 -12.28
C ILE B 375 -3.43 -14.71 -12.31
N GLN B 376 -2.76 -14.56 -13.45
CA GLN B 376 -1.36 -14.95 -13.61
C GLN B 376 -0.62 -13.76 -14.19
N LEU B 377 0.27 -13.17 -13.40
CA LEU B 377 1.05 -12.03 -13.88
C LEU B 377 2.07 -12.49 -14.91
N GLY B 378 2.01 -11.91 -16.11
CA GLY B 378 3.04 -12.14 -17.09
C GLY B 378 4.26 -11.32 -16.76
N GLN B 379 5.39 -12.00 -16.54
CA GLN B 379 6.61 -11.31 -16.16
C GLN B 379 7.21 -10.52 -17.31
N ARG B 380 6.86 -10.88 -18.55
CA ARG B 380 7.43 -10.24 -19.73
C ARG B 380 7.04 -8.77 -19.81
N ILE B 381 5.81 -8.45 -19.40
CA ILE B 381 5.35 -7.07 -19.46
C ILE B 381 6.07 -6.23 -18.40
N ILE B 382 6.35 -6.82 -17.24
CA ILE B 382 7.10 -6.14 -16.19
C ILE B 382 8.53 -5.88 -16.66
N VAL B 383 9.11 -6.84 -17.38
CA VAL B 383 10.44 -6.65 -17.95
C VAL B 383 10.42 -5.56 -19.01
N LEU B 384 9.33 -5.47 -19.76
CA LEU B 384 9.17 -4.39 -20.74
C LEU B 384 9.12 -3.02 -20.07
N PHE B 385 8.42 -2.92 -18.94
CA PHE B 385 8.39 -1.64 -18.22
C PHE B 385 9.74 -1.31 -17.61
N MET B 386 10.47 -2.30 -17.11
CA MET B 386 11.81 -2.04 -16.56
C MET B 386 12.79 -1.62 -17.63
N VAL B 387 12.68 -2.18 -18.84
CA VAL B 387 13.53 -1.72 -19.93
C VAL B 387 13.11 -0.32 -20.37
N ALA B 388 11.81 -0.03 -20.32
CA ALA B 388 11.31 1.24 -20.82
C ALA B 388 11.67 2.39 -19.89
N TRP B 389 11.17 2.38 -18.66
CA TRP B 389 11.41 3.50 -17.73
C TRP B 389 11.85 2.99 -16.37
N GLY B 390 12.81 2.09 -16.36
CA GLY B 390 13.43 1.71 -15.12
C GLY B 390 14.53 2.67 -14.74
N LYS B 391 15.21 3.24 -15.72
CA LYS B 391 16.35 4.10 -15.43
C LYS B 391 15.89 5.47 -14.96
N GLU B 392 14.83 6.02 -15.57
CA GLU B 392 14.40 7.37 -15.22
C GLU B 392 13.80 7.43 -13.82
N ALA B 393 13.09 6.38 -13.41
CA ALA B 393 12.55 6.31 -12.07
C ALA B 393 13.66 6.25 -11.02
N VAL B 394 14.67 5.41 -11.24
CA VAL B 394 15.75 5.27 -10.27
C VAL B 394 16.63 6.52 -10.29
N ASP B 395 16.73 7.18 -11.43
CA ASP B 395 17.37 8.48 -11.49
C ASP B 395 16.57 9.53 -10.74
N ASN B 396 15.27 9.34 -10.59
CA ASN B 396 14.42 10.27 -9.85
C ASN B 396 13.88 9.66 -8.55
N PHE B 397 14.67 8.82 -7.88
CA PHE B 397 14.33 8.44 -6.52
C PHE B 397 14.61 9.60 -5.57
N HIS B 398 14.06 9.51 -4.37
CA HIS B 398 14.28 10.58 -3.40
C HIS B 398 15.63 10.42 -2.72
N LEU B 399 15.80 9.34 -1.95
CA LEU B 399 17.07 8.90 -1.35
C LEU B 399 17.74 9.99 -0.50
N GLY B 400 16.93 10.77 0.21
CA GLY B 400 17.44 11.94 0.88
C GLY B 400 18.17 11.61 2.17
N ASP B 401 19.37 12.14 2.31
CA ASP B 401 20.11 12.05 3.57
C ASP B 401 19.45 12.99 4.58
N ASP B 402 18.79 12.42 5.57
CA ASP B 402 17.90 13.20 6.43
C ASP B 402 18.69 14.05 7.42
N MET B 403 19.79 13.51 7.93
CA MET B 403 20.55 14.14 8.99
C MET B 403 22.04 13.96 8.68
N ASP B 404 22.86 14.87 9.16
CA ASP B 404 24.31 14.70 9.07
C ASP B 404 24.72 13.46 9.86
N PRO B 405 25.42 12.50 9.24
CA PRO B 405 25.77 11.26 9.95
C PRO B 405 26.68 11.44 11.15
N GLU B 406 27.55 12.46 11.11
CA GLU B 406 28.34 12.79 12.30
C GLU B 406 27.47 13.27 13.44
N LEU B 407 26.40 13.99 13.13
CA LEU B 407 25.43 14.45 14.11
C LEU B 407 24.66 13.26 14.68
N ARG B 408 24.17 12.39 13.80
CA ARG B 408 23.33 11.27 14.21
C ARG B 408 24.10 10.27 15.04
N THR B 409 25.36 10.00 14.66
CA THR B 409 26.19 9.06 15.43
C THR B 409 26.44 9.57 16.84
N LEU B 410 26.72 10.87 16.95
CA LEU B 410 27.03 11.48 18.24
C LEU B 410 25.80 11.50 19.14
N ALA B 411 24.65 11.90 18.58
CA ALA B 411 23.42 11.95 19.36
C ALA B 411 22.96 10.55 19.76
N GLN B 412 23.06 9.58 18.86
CA GLN B 412 22.63 8.22 19.19
C GLN B 412 23.54 7.58 20.22
N SER B 413 24.84 7.89 20.17
CA SER B 413 25.75 7.40 21.20
C SER B 413 25.41 7.98 22.57
N LEU B 414 25.02 9.25 22.60
CA LEU B 414 24.69 9.88 23.87
C LEU B 414 23.37 9.33 24.44
N ILE B 415 22.40 9.09 23.55
CA ILE B 415 21.16 8.40 23.94
C ILE B 415 21.45 7.01 24.49
N ASP B 416 22.35 6.26 23.83
CA ASP B 416 22.62 4.90 24.26
C ASP B 416 23.31 4.85 25.62
N VAL B 417 24.23 5.79 25.87
CA VAL B 417 24.89 5.87 27.17
C VAL B 417 23.88 6.19 28.26
N LYS B 418 22.98 7.15 28.01
CA LYS B 418 22.01 7.52 29.03
C LYS B 418 21.01 6.39 29.32
N VAL B 419 20.53 5.70 28.28
CA VAL B 419 19.54 4.65 28.49
C VAL B 419 20.17 3.44 29.18
N LYS B 420 21.42 3.12 28.82
CA LYS B 420 22.11 2.04 29.53
C LYS B 420 22.47 2.41 30.95
N GLU B 421 22.58 3.70 31.27
CA GLU B 421 22.72 4.09 32.67
C GLU B 421 21.42 3.94 33.44
N ILE B 422 20.28 4.31 32.83
CA ILE B 422 19.03 4.39 33.59
C ILE B 422 18.42 3.00 33.79
N SER B 423 18.05 2.33 32.70
CA SER B 423 17.18 1.17 32.79
C SER B 423 17.78 -0.01 32.03
N ASN B 424 17.02 -1.10 31.95
CA ASN B 424 17.45 -2.33 31.30
C ASN B 424 16.74 -2.59 29.99
N GLN B 425 16.27 -1.54 29.31
CA GLN B 425 15.61 -1.70 28.03
C GLN B 425 16.61 -1.47 26.90
N GLU B 426 16.22 -1.91 25.71
CA GLU B 426 17.04 -1.66 24.54
C GLU B 426 16.79 -0.24 24.05
N PRO B 427 17.83 0.56 23.85
CA PRO B 427 17.62 1.97 23.45
C PRO B 427 17.17 2.07 22.01
N LEU B 428 16.11 2.85 21.80
CA LEU B 428 15.54 3.02 20.48
C LEU B 428 16.43 3.92 19.63
N LYS B 429 16.16 3.92 18.32
CA LYS B 429 16.93 4.72 17.39
C LYS B 429 16.42 6.14 17.35
N LEU B 430 17.33 7.09 17.20
CA LEU B 430 16.96 8.50 17.10
C LEU B 430 16.31 8.76 15.76
#